data_1OHA
#
_entry.id   1OHA
#
_cell.length_a   60.126
_cell.length_b   71.792
_cell.length_c   107.175
_cell.angle_alpha   90.00
_cell.angle_beta   90.00
_cell.angle_gamma   90.00
#
_symmetry.space_group_name_H-M   'C 2 2 21'
#
loop_
_entity.id
_entity.type
_entity.pdbx_description
1 polymer 'ACETYLGLUTAMATE KINASE'
2 non-polymer "ADENOSINE-5'-DIPHOSPHATE"
3 non-polymer N-ACETYL-L-GLUTAMATE
4 non-polymer 'ACETATE ION'
5 non-polymer 'MAGNESIUM ION'
6 water water
#
_entity_poly.entity_id   1
_entity_poly.type   'polypeptide(L)'
_entity_poly.pdbx_seq_one_letter_code
;MMNPLIIKLGGVLLDSEEALERLFSALVNYRESHQRPLVIVHGGGCVVDELMKGLNLPVKKKNGLRVTPADQIDIITGAL
AGTANKTLLAWAKKHQIAAVGLFLGDGDSVKVTQLDEELGHVGLAQPGSPKLINSLLENGYLPVVSSIGVTDEGQLMNVN
ADQAATALAATLGADLILLSDVSGILDGKGQRIAEMTAAKAEQLIEQGIITDGMIVKVNAALDAARTLGRPVDIASWRHA
EQLPALFNGMPMGTRILA
;
_entity_poly.pdbx_strand_id   A
#
# COMPACT_ATOMS: atom_id res chain seq x y z
N MET A 1 23.16 -2.38 -4.99
CA MET A 1 22.22 -1.76 -3.95
C MET A 1 21.46 -2.91 -3.30
N MET A 2 21.03 -2.69 -2.06
CA MET A 2 20.30 -3.71 -1.30
C MET A 2 18.88 -3.91 -1.85
N ASN A 3 18.21 -4.97 -1.41
CA ASN A 3 16.84 -5.21 -1.85
C ASN A 3 16.02 -4.11 -1.23
N PRO A 4 15.17 -3.45 -2.02
CA PRO A 4 14.37 -2.37 -1.43
C PRO A 4 13.38 -2.85 -0.38
N LEU A 5 12.79 -1.89 0.31
CA LEU A 5 11.75 -2.14 1.29
C LEU A 5 10.58 -1.28 0.83
N ILE A 6 9.46 -1.92 0.51
CA ILE A 6 8.28 -1.18 0.09
C ILE A 6 7.40 -0.95 1.31
N ILE A 7 7.10 0.31 1.56
CA ILE A 7 6.22 0.65 2.68
C ILE A 7 4.87 1.02 2.05
N LYS A 8 3.86 0.20 2.28
CA LYS A 8 2.53 0.50 1.74
C LYS A 8 1.77 1.30 2.80
N LEU A 9 1.27 2.46 2.41
CA LEU A 9 0.54 3.33 3.31
C LEU A 9 -0.94 3.37 3.01
N GLY A 10 -1.75 3.11 4.02
CA GLY A 10 -3.19 3.12 3.85
C GLY A 10 -3.86 3.53 5.16
N GLY A 11 -5.18 3.33 5.23
CA GLY A 11 -5.92 3.67 6.42
C GLY A 11 -6.42 5.11 6.46
N VAL A 12 -7.19 5.44 7.49
CA VAL A 12 -7.73 6.77 7.66
C VAL A 12 -6.66 7.74 8.13
N LEU A 13 -5.51 7.20 8.52
CA LEU A 13 -4.40 8.02 8.98
C LEU A 13 -3.88 8.88 7.83
N LEU A 14 -4.24 8.54 6.60
CA LEU A 14 -3.83 9.31 5.44
C LEU A 14 -4.48 10.70 5.49
N ASP A 15 -5.53 10.84 6.30
CA ASP A 15 -6.24 12.11 6.45
C ASP A 15 -5.82 12.86 7.72
N SER A 16 -4.72 12.46 8.34
CA SER A 16 -4.25 13.10 9.56
C SER A 16 -2.91 13.81 9.37
N GLU A 17 -2.92 15.12 9.58
N GLU A 17 -2.91 15.12 9.58
CA GLU A 17 -1.71 15.92 9.44
CA GLU A 17 -1.70 15.93 9.45
C GLU A 17 -0.68 15.56 10.51
C GLU A 17 -0.68 15.54 10.51
N GLU A 18 -1.17 15.32 11.72
N GLU A 18 -1.18 15.33 11.73
CA GLU A 18 -0.28 14.95 12.82
CA GLU A 18 -0.33 14.94 12.85
C GLU A 18 0.34 13.60 12.54
C GLU A 18 0.33 13.59 12.57
N ALA A 19 -0.46 12.66 12.05
CA ALA A 19 0.03 11.32 11.74
C ALA A 19 1.07 11.38 10.61
N LEU A 20 0.80 12.19 9.60
CA LEU A 20 1.72 12.33 8.47
C LEU A 20 3.03 12.99 8.86
N GLU A 21 2.96 14.00 9.73
CA GLU A 21 4.17 14.68 10.18
C GLU A 21 5.03 13.69 10.95
N ARG A 22 4.41 12.95 11.87
CA ARG A 22 5.11 11.96 12.68
C ARG A 22 5.74 10.87 11.79
N LEU A 23 4.98 10.41 10.79
CA LEU A 23 5.47 9.38 9.87
C LEU A 23 6.67 9.84 9.05
N PHE A 24 6.56 11.00 8.40
CA PHE A 24 7.65 11.48 7.59
C PHE A 24 8.89 11.82 8.41
N SER A 25 8.69 12.10 9.69
N SER A 25 8.70 12.11 9.68
CA SER A 25 9.79 12.39 10.59
CA SER A 25 9.84 12.41 10.55
C SER A 25 10.58 11.11 10.77
C SER A 25 10.60 11.10 10.78
N ALA A 26 9.86 10.00 10.94
CA ALA A 26 10.46 8.70 11.14
C ALA A 26 11.06 8.15 9.84
N LEU A 27 10.48 8.55 8.70
CA LEU A 27 10.99 8.09 7.42
C LEU A 27 12.35 8.72 7.18
N VAL A 28 12.48 10.00 7.48
CA VAL A 28 13.74 10.70 7.31
C VAL A 28 14.80 10.06 8.20
N ASN A 29 14.46 9.86 9.47
CA ASN A 29 15.38 9.24 10.41
C ASN A 29 15.82 7.86 9.94
N TYR A 30 14.91 7.11 9.33
CA TYR A 30 15.24 5.78 8.82
C TYR A 30 16.18 5.89 7.62
N ARG A 31 15.80 6.74 6.66
CA ARG A 31 16.58 6.94 5.44
C ARG A 31 18.00 7.38 5.73
N GLU A 32 18.17 8.31 6.65
CA GLU A 32 19.48 8.81 6.98
C GLU A 32 20.27 7.84 7.87
N SER A 33 19.68 6.70 8.19
CA SER A 33 20.36 5.73 9.06
C SER A 33 20.37 4.31 8.51
N HIS A 34 19.86 4.12 7.29
CA HIS A 34 19.83 2.81 6.66
C HIS A 34 20.17 2.96 5.19
N GLN A 35 20.91 2.00 4.65
CA GLN A 35 21.29 2.04 3.25
C GLN A 35 20.24 1.40 2.35
N ARG A 36 19.31 0.68 2.96
N ARG A 36 19.30 0.68 2.95
CA ARG A 36 18.25 0.02 2.19
CA ARG A 36 18.26 0.00 2.20
C ARG A 36 17.33 1.04 1.55
C ARG A 36 17.33 1.03 1.54
N PRO A 37 17.22 0.99 0.21
CA PRO A 37 16.36 1.94 -0.50
C PRO A 37 14.87 1.73 -0.21
N LEU A 38 14.15 2.82 -0.01
CA LEU A 38 12.73 2.76 0.27
C LEU A 38 11.88 3.12 -0.94
N VAL A 39 10.70 2.51 -1.01
CA VAL A 39 9.73 2.76 -2.06
C VAL A 39 8.40 2.82 -1.32
N ILE A 40 7.58 3.82 -1.63
CA ILE A 40 6.29 3.94 -1.00
C ILE A 40 5.19 3.64 -2.00
N VAL A 41 4.23 2.82 -1.57
CA VAL A 41 3.06 2.53 -2.41
C VAL A 41 1.92 2.98 -1.52
N HIS A 42 0.99 3.76 -2.06
CA HIS A 42 -0.09 4.25 -1.22
C HIS A 42 -1.49 3.95 -1.74
N GLY A 43 -2.44 3.93 -0.80
CA GLY A 43 -3.83 3.72 -1.14
C GLY A 43 -4.51 5.06 -0.97
N GLY A 44 -5.69 5.07 -0.36
CA GLY A 44 -6.41 6.31 -0.16
C GLY A 44 -7.91 6.13 -0.33
N GLY A 45 -8.38 4.92 -0.05
CA GLY A 45 -9.80 4.61 -0.17
C GLY A 45 -10.64 5.64 0.55
N CYS A 46 -10.09 6.26 1.59
CA CYS A 46 -10.83 7.27 2.35
C CYS A 46 -11.03 8.55 1.52
N VAL A 47 -9.96 9.00 0.86
CA VAL A 47 -10.05 10.19 0.03
C VAL A 47 -11.14 10.00 -1.02
N VAL A 48 -11.27 8.78 -1.50
CA VAL A 48 -12.27 8.45 -2.50
C VAL A 48 -13.67 8.46 -1.90
N ASP A 49 -13.84 7.78 -0.78
CA ASP A 49 -15.15 7.72 -0.12
C ASP A 49 -15.69 9.12 0.18
N GLU A 50 -14.80 10.07 0.43
CA GLU A 50 -15.20 11.44 0.73
C GLU A 50 -15.64 12.16 -0.54
N LEU A 51 -14.84 12.02 -1.60
CA LEU A 51 -15.14 12.66 -2.87
C LEU A 51 -16.43 12.12 -3.49
N MET A 52 -16.80 10.89 -3.13
CA MET A 52 -18.02 10.28 -3.66
C MET A 52 -19.23 10.79 -2.89
N LYS A 53 -18.97 11.38 -1.74
CA LYS A 53 -20.02 11.94 -0.90
C LYS A 53 -20.29 13.35 -1.42
N GLY A 54 -19.24 14.15 -1.55
CA GLY A 54 -19.42 15.50 -2.06
C GLY A 54 -20.04 15.41 -3.44
N LEU A 55 -19.90 14.26 -4.08
CA LEU A 55 -20.47 14.06 -5.40
C LEU A 55 -21.82 13.36 -5.30
N ASN A 56 -22.10 12.79 -4.12
CA ASN A 56 -23.34 12.08 -3.86
C ASN A 56 -23.45 10.77 -4.63
N LEU A 57 -22.34 10.02 -4.68
CA LEU A 57 -22.32 8.74 -5.37
C LEU A 57 -22.20 7.59 -4.39
N PRO A 58 -22.65 6.38 -4.78
CA PRO A 58 -22.59 5.20 -3.93
C PRO A 58 -21.25 4.46 -3.97
N VAL A 59 -20.98 3.69 -2.92
CA VAL A 59 -19.74 2.91 -2.84
C VAL A 59 -20.07 1.45 -2.60
N LYS A 60 -19.72 0.61 -3.56
CA LYS A 60 -19.98 -0.82 -3.46
C LYS A 60 -18.66 -1.58 -3.60
N LYS A 61 -18.38 -2.45 -2.65
CA LYS A 61 -17.16 -3.25 -2.70
C LYS A 61 -17.49 -4.72 -2.70
N LYS A 62 -17.23 -5.38 -3.83
CA LYS A 62 -17.47 -6.79 -3.96
C LYS A 62 -16.31 -7.57 -3.38
N ASN A 63 -16.39 -7.85 -2.09
CA ASN A 63 -15.36 -8.61 -1.39
C ASN A 63 -14.02 -7.89 -1.34
N GLY A 64 -14.04 -6.67 -0.78
CA GLY A 64 -12.81 -5.89 -0.66
C GLY A 64 -12.46 -4.98 -1.83
N LEU A 65 -12.93 -5.30 -3.03
CA LEU A 65 -12.62 -4.49 -4.21
C LEU A 65 -13.75 -3.53 -4.58
N ARG A 66 -13.41 -2.24 -4.75
CA ARG A 66 -14.39 -1.22 -5.10
C ARG A 66 -14.87 -1.33 -6.54
N VAL A 67 -16.17 -1.48 -6.73
CA VAL A 67 -16.73 -1.54 -8.08
C VAL A 67 -16.45 -0.17 -8.68
N THR A 68 -15.78 -0.16 -9.82
CA THR A 68 -15.40 1.09 -10.48
C THR A 68 -15.98 1.20 -11.89
N PRO A 69 -17.17 1.82 -12.01
CA PRO A 69 -17.81 1.99 -13.32
C PRO A 69 -17.00 2.92 -14.19
N ALA A 70 -17.16 2.81 -15.50
CA ALA A 70 -16.44 3.63 -16.45
C ALA A 70 -16.65 5.13 -16.20
N ASP A 71 -17.81 5.47 -15.65
CA ASP A 71 -18.13 6.88 -15.38
C ASP A 71 -17.55 7.39 -14.07
N GLN A 72 -16.76 6.55 -13.39
CA GLN A 72 -16.17 6.95 -12.12
C GLN A 72 -14.65 6.76 -12.07
N ILE A 73 -14.09 6.11 -13.08
CA ILE A 73 -12.64 5.86 -13.11
C ILE A 73 -11.84 7.16 -13.16
N ASP A 74 -12.34 8.19 -13.85
CA ASP A 74 -11.61 9.45 -13.91
C ASP A 74 -11.58 10.15 -12.56
N ILE A 75 -12.71 10.12 -11.85
CA ILE A 75 -12.81 10.75 -10.54
C ILE A 75 -11.90 10.02 -9.53
N ILE A 76 -11.92 8.69 -9.60
CA ILE A 76 -11.11 7.88 -8.71
C ILE A 76 -9.62 8.09 -9.01
N THR A 77 -9.28 8.15 -10.28
CA THR A 77 -7.89 8.35 -10.71
C THR A 77 -7.43 9.70 -10.15
N GLY A 78 -8.33 10.68 -10.20
CA GLY A 78 -7.99 12.00 -9.70
C GLY A 78 -7.69 11.95 -8.21
N ALA A 79 -8.54 11.27 -7.45
CA ALA A 79 -8.36 11.19 -6.01
C ALA A 79 -7.10 10.42 -5.60
N LEU A 80 -6.87 9.27 -6.23
CA LEU A 80 -5.73 8.42 -5.91
C LEU A 80 -4.42 8.78 -6.59
N ALA A 81 -4.39 8.83 -7.92
CA ALA A 81 -3.17 9.15 -8.65
C ALA A 81 -2.81 10.63 -8.55
N GLY A 82 -3.80 11.46 -8.26
CA GLY A 82 -3.56 12.88 -8.14
C GLY A 82 -3.44 13.39 -6.72
N THR A 83 -4.58 13.61 -6.07
CA THR A 83 -4.61 14.13 -4.71
C THR A 83 -3.78 13.36 -3.70
N ALA A 84 -4.05 12.07 -3.54
CA ALA A 84 -3.29 11.29 -2.56
C ALA A 84 -1.80 11.26 -2.87
N ASN A 85 -1.46 10.99 -4.14
CA ASN A 85 -0.07 10.91 -4.54
C ASN A 85 0.68 12.23 -4.33
N LYS A 86 0.10 13.33 -4.80
CA LYS A 86 0.77 14.62 -4.66
C LYS A 86 0.81 15.14 -3.22
N THR A 87 -0.13 14.71 -2.40
CA THR A 87 -0.14 15.11 -0.99
C THR A 87 1.10 14.49 -0.33
N LEU A 88 1.37 13.23 -0.63
CA LEU A 88 2.52 12.54 -0.05
C LEU A 88 3.82 13.15 -0.59
N LEU A 89 3.81 13.56 -1.86
CA LEU A 89 5.01 14.19 -2.43
C LEU A 89 5.28 15.54 -1.75
N ALA A 90 4.22 16.22 -1.31
CA ALA A 90 4.37 17.51 -0.64
C ALA A 90 4.99 17.30 0.75
N TRP A 91 4.56 16.26 1.44
CA TRP A 91 5.12 15.97 2.75
C TRP A 91 6.59 15.59 2.60
N ALA A 92 6.91 14.82 1.56
CA ALA A 92 8.31 14.44 1.34
C ALA A 92 9.15 15.69 1.11
N LYS A 93 8.63 16.61 0.30
CA LYS A 93 9.33 17.87 0.00
C LYS A 93 9.52 18.68 1.29
N LYS A 94 8.48 18.74 2.10
N LYS A 94 8.48 18.73 2.10
CA LYS A 94 8.54 19.47 3.36
CA LYS A 94 8.53 19.46 3.36
C LYS A 94 9.70 18.94 4.19
C LYS A 94 9.69 18.93 4.20
N HIS A 95 9.94 17.63 4.09
CA HIS A 95 11.02 16.99 4.84
C HIS A 95 12.34 16.79 4.10
N GLN A 96 12.55 17.58 3.04
N GLN A 96 12.55 17.57 3.05
CA GLN A 96 13.77 17.53 2.26
CA GLN A 96 13.78 17.51 2.25
C GLN A 96 14.08 16.18 1.63
C GLN A 96 14.04 16.15 1.60
N ILE A 97 13.03 15.42 1.33
N ILE A 97 12.98 15.41 1.33
CA ILE A 97 13.17 14.11 0.70
CA ILE A 97 13.10 14.11 0.68
C ILE A 97 12.97 14.31 -0.79
C ILE A 97 12.95 14.29 -0.82
N ALA A 98 13.94 13.86 -1.59
CA ALA A 98 13.84 13.97 -3.04
C ALA A 98 12.99 12.77 -3.47
N ALA A 99 11.72 13.02 -3.77
CA ALA A 99 10.81 11.95 -4.17
C ALA A 99 10.33 12.14 -5.61
N VAL A 100 9.78 11.08 -6.18
CA VAL A 100 9.25 11.12 -7.55
C VAL A 100 7.95 10.34 -7.55
N GLY A 101 6.87 11.01 -7.94
CA GLY A 101 5.57 10.35 -7.96
C GLY A 101 5.38 9.54 -9.23
N LEU A 102 4.81 8.35 -9.08
CA LEU A 102 4.57 7.45 -10.21
C LEU A 102 3.25 6.72 -10.04
N PHE A 103 2.74 6.13 -11.12
CA PHE A 103 1.56 5.27 -11.03
C PHE A 103 2.04 3.95 -11.62
N LEU A 104 1.23 2.90 -11.54
CA LEU A 104 1.65 1.59 -12.00
C LEU A 104 2.13 1.48 -13.45
N GLY A 105 1.59 2.30 -14.33
CA GLY A 105 1.99 2.25 -15.72
C GLY A 105 3.35 2.86 -16.05
N ASP A 106 3.87 3.72 -15.18
CA ASP A 106 5.17 4.34 -15.45
C ASP A 106 6.27 3.28 -15.52
N GLY A 107 6.95 3.22 -16.67
CA GLY A 107 8.00 2.24 -16.85
C GLY A 107 7.46 0.82 -16.84
N ASP A 108 6.15 0.68 -17.03
CA ASP A 108 5.49 -0.63 -17.00
C ASP A 108 5.90 -1.35 -15.71
N SER A 109 5.98 -0.61 -14.62
N SER A 109 5.97 -0.59 -14.64
CA SER A 109 6.38 -1.17 -13.34
CA SER A 109 6.33 -1.10 -13.32
C SER A 109 5.49 -2.33 -12.89
C SER A 109 5.50 -2.32 -12.92
N VAL A 110 4.18 -2.18 -13.05
CA VAL A 110 3.25 -3.24 -12.69
C VAL A 110 2.26 -3.45 -13.83
N LYS A 111 2.17 -4.69 -14.31
CA LYS A 111 1.25 -5.02 -15.39
C LYS A 111 -0.18 -5.07 -14.86
N VAL A 112 -1.10 -4.48 -15.60
CA VAL A 112 -2.49 -4.47 -15.18
C VAL A 112 -3.46 -4.81 -16.31
N THR A 113 -4.45 -5.65 -16.00
CA THR A 113 -5.49 -6.05 -16.95
C THR A 113 -6.82 -5.99 -16.21
N GLN A 114 -7.92 -5.97 -16.95
CA GLN A 114 -9.23 -5.94 -16.30
C GLN A 114 -9.47 -7.26 -15.57
N LEU A 115 -9.75 -7.15 -14.28
CA LEU A 115 -9.97 -8.33 -13.46
C LEU A 115 -11.30 -9.03 -13.71
N ASP A 116 -12.38 -8.27 -13.73
CA ASP A 116 -13.72 -8.84 -13.92
C ASP A 116 -14.69 -7.79 -14.43
N GLU A 117 -15.43 -8.12 -15.49
CA GLU A 117 -16.38 -7.16 -16.02
C GLU A 117 -17.40 -6.72 -14.97
N GLU A 118 -17.65 -7.56 -13.96
CA GLU A 118 -18.59 -7.23 -12.91
C GLU A 118 -18.08 -6.10 -12.01
N LEU A 119 -16.77 -5.88 -12.03
CA LEU A 119 -16.14 -4.86 -11.20
C LEU A 119 -15.92 -3.54 -11.93
N GLY A 120 -15.98 -3.59 -13.26
CA GLY A 120 -15.76 -2.39 -14.05
C GLY A 120 -14.27 -2.20 -14.25
N HIS A 121 -13.80 -0.96 -14.11
CA HIS A 121 -12.38 -0.65 -14.30
C HIS A 121 -11.51 -0.97 -13.09
N VAL A 122 -11.56 -2.21 -12.65
CA VAL A 122 -10.75 -2.67 -11.52
C VAL A 122 -9.66 -3.53 -12.15
N GLY A 123 -8.41 -3.28 -11.79
CA GLY A 123 -7.35 -4.06 -12.39
C GLY A 123 -6.75 -5.21 -11.58
N LEU A 124 -6.23 -6.17 -12.33
CA LEU A 124 -5.54 -7.33 -11.76
C LEU A 124 -4.08 -6.97 -11.96
N ALA A 125 -3.34 -6.85 -10.85
CA ALA A 125 -1.93 -6.47 -10.91
C ALA A 125 -0.98 -7.65 -10.88
N GLN A 126 0.04 -7.60 -11.75
CA GLN A 126 1.04 -8.65 -11.82
C GLN A 126 2.40 -8.00 -12.06
N PRO A 127 3.50 -8.70 -11.73
CA PRO A 127 4.85 -8.16 -11.90
C PRO A 127 5.14 -7.56 -13.28
N GLY A 128 5.84 -6.44 -13.29
CA GLY A 128 6.20 -5.78 -14.53
C GLY A 128 7.71 -5.65 -14.64
N SER A 129 8.18 -4.50 -15.12
CA SER A 129 9.61 -4.25 -15.26
C SER A 129 10.14 -3.37 -14.13
N PRO A 130 11.25 -3.79 -13.49
CA PRO A 130 11.84 -3.02 -12.39
C PRO A 130 12.87 -1.99 -12.87
N LYS A 131 13.08 -1.90 -14.18
CA LYS A 131 14.10 -0.98 -14.71
C LYS A 131 13.95 0.49 -14.30
N LEU A 132 12.79 1.09 -14.54
CA LEU A 132 12.62 2.50 -14.17
C LEU A 132 12.83 2.77 -12.69
N ILE A 133 12.13 2.03 -11.83
N ILE A 133 12.13 2.02 -11.85
CA ILE A 133 12.26 2.25 -10.40
CA ILE A 133 12.24 2.19 -10.40
C ILE A 133 13.66 1.92 -9.88
C ILE A 133 13.65 1.91 -9.89
N ASN A 134 14.30 0.90 -10.43
CA ASN A 134 15.66 0.55 -10.01
C ASN A 134 16.62 1.72 -10.32
N SER A 135 16.40 2.35 -11.46
CA SER A 135 17.23 3.49 -11.86
C SER A 135 16.98 4.68 -10.94
N LEU A 136 15.71 4.92 -10.61
CA LEU A 136 15.36 6.02 -9.72
C LEU A 136 16.00 5.80 -8.35
N LEU A 137 15.96 4.54 -7.88
CA LEU A 137 16.54 4.22 -6.58
C LEU A 137 18.05 4.39 -6.60
N GLU A 138 18.69 3.97 -7.69
N GLU A 138 18.69 3.97 -7.70
CA GLU A 138 20.14 4.08 -7.81
CA GLU A 138 20.14 4.07 -7.85
C GLU A 138 20.59 5.53 -7.92
C GLU A 138 20.58 5.53 -7.90
N ASN A 139 19.68 6.40 -8.32
CA ASN A 139 19.97 7.82 -8.45
C ASN A 139 19.58 8.62 -7.20
N GLY A 140 19.16 7.91 -6.16
CA GLY A 140 18.81 8.57 -4.92
C GLY A 140 17.41 9.12 -4.72
N TYR A 141 16.45 8.71 -5.53
CA TYR A 141 15.07 9.20 -5.35
C TYR A 141 14.20 8.21 -4.58
N LEU A 142 13.18 8.75 -3.90
CA LEU A 142 12.22 7.93 -3.19
C LEU A 142 10.95 7.88 -4.04
N PRO A 143 10.71 6.74 -4.72
CA PRO A 143 9.52 6.61 -5.56
C PRO A 143 8.27 6.51 -4.67
N VAL A 144 7.23 7.25 -5.03
CA VAL A 144 5.96 7.25 -4.30
C VAL A 144 4.95 6.87 -5.38
N VAL A 145 4.45 5.64 -5.29
CA VAL A 145 3.55 5.07 -6.30
C VAL A 145 2.09 4.88 -5.91
N SER A 146 1.18 5.38 -6.75
CA SER A 146 -0.25 5.21 -6.52
C SER A 146 -0.69 3.86 -7.10
N SER A 147 -1.93 3.45 -6.81
CA SER A 147 -2.42 2.15 -7.30
C SER A 147 -3.28 2.19 -8.56
N ILE A 148 -3.21 3.29 -9.29
CA ILE A 148 -3.94 3.37 -10.54
C ILE A 148 -2.98 2.79 -11.58
N GLY A 149 -3.52 2.05 -12.53
CA GLY A 149 -2.71 1.46 -13.58
C GLY A 149 -3.36 1.67 -14.93
N VAL A 150 -2.84 1.03 -15.97
CA VAL A 150 -3.43 1.17 -17.29
C VAL A 150 -3.13 -0.10 -18.09
N THR A 151 -4.11 -0.54 -18.87
CA THR A 151 -3.96 -1.74 -19.70
C THR A 151 -3.20 -1.38 -20.96
N ASP A 152 -2.72 -2.38 -21.68
CA ASP A 152 -1.99 -2.15 -22.92
C ASP A 152 -2.86 -1.45 -23.96
N GLU A 153 -4.18 -1.57 -23.81
CA GLU A 153 -5.12 -0.93 -24.74
C GLU A 153 -5.38 0.53 -24.38
N GLY A 154 -4.82 0.96 -23.25
CA GLY A 154 -5.00 2.34 -22.84
C GLY A 154 -6.16 2.65 -21.89
N GLN A 155 -6.69 1.64 -21.20
CA GLN A 155 -7.78 1.86 -20.27
C GLN A 155 -7.25 1.98 -18.84
N LEU A 156 -7.62 3.06 -18.16
CA LEU A 156 -7.19 3.26 -16.78
C LEU A 156 -7.86 2.23 -15.88
N MET A 157 -7.11 1.74 -14.90
CA MET A 157 -7.62 0.72 -13.99
C MET A 157 -7.33 1.08 -12.53
N ASN A 158 -8.30 0.80 -11.67
CA ASN A 158 -8.19 1.04 -10.25
C ASN A 158 -7.74 -0.29 -9.63
N VAL A 159 -6.53 -0.30 -9.08
CA VAL A 159 -6.02 -1.52 -8.45
C VAL A 159 -6.04 -1.32 -6.95
N ASN A 160 -6.51 -2.31 -6.20
CA ASN A 160 -6.51 -2.19 -4.74
C ASN A 160 -5.03 -2.05 -4.36
N ALA A 161 -4.70 -1.03 -3.56
CA ALA A 161 -3.32 -0.75 -3.18
C ALA A 161 -2.51 -1.90 -2.58
N ASP A 162 -3.17 -2.77 -1.82
CA ASP A 162 -2.47 -3.91 -1.22
C ASP A 162 -1.95 -4.85 -2.30
N GLN A 163 -2.79 -5.09 -3.32
CA GLN A 163 -2.41 -5.99 -4.42
C GLN A 163 -1.35 -5.32 -5.29
N ALA A 164 -1.41 -4.00 -5.42
CA ALA A 164 -0.42 -3.28 -6.23
C ALA A 164 0.93 -3.40 -5.53
N ALA A 165 0.93 -3.23 -4.21
CA ALA A 165 2.16 -3.31 -3.42
C ALA A 165 2.82 -4.69 -3.58
N THR A 166 2.03 -5.75 -3.48
CA THR A 166 2.56 -7.10 -3.61
C THR A 166 3.15 -7.32 -5.00
N ALA A 167 2.45 -6.86 -6.02
CA ALA A 167 2.93 -7.02 -7.38
C ALA A 167 4.26 -6.28 -7.55
N LEU A 168 4.36 -5.07 -7.00
CA LEU A 168 5.59 -4.31 -7.12
C LEU A 168 6.72 -4.97 -6.31
N ALA A 169 6.36 -5.59 -5.21
CA ALA A 169 7.36 -6.26 -4.38
C ALA A 169 8.02 -7.40 -5.19
N ALA A 170 7.20 -8.17 -5.89
CA ALA A 170 7.74 -9.27 -6.69
C ALA A 170 8.59 -8.71 -7.83
N THR A 171 8.12 -7.62 -8.44
CA THR A 171 8.83 -6.97 -9.53
C THR A 171 10.23 -6.51 -9.12
N LEU A 172 10.32 -5.89 -7.94
CA LEU A 172 11.57 -5.36 -7.43
C LEU A 172 12.37 -6.31 -6.53
N GLY A 173 11.77 -7.46 -6.19
CA GLY A 173 12.45 -8.39 -5.31
C GLY A 173 12.64 -7.68 -3.98
N ALA A 174 11.61 -6.94 -3.56
CA ALA A 174 11.68 -6.16 -2.32
C ALA A 174 10.90 -6.73 -1.15
N ASP A 175 11.27 -6.29 0.04
CA ASP A 175 10.57 -6.70 1.24
C ASP A 175 9.34 -5.81 1.29
N LEU A 176 8.34 -6.22 2.07
CA LEU A 176 7.10 -5.48 2.13
C LEU A 176 6.49 -5.36 3.52
N ILE A 177 5.98 -4.18 3.85
CA ILE A 177 5.28 -3.97 5.11
C ILE A 177 4.02 -3.18 4.78
N LEU A 178 2.88 -3.69 5.25
CA LEU A 178 1.59 -3.07 5.01
C LEU A 178 1.11 -2.30 6.24
N LEU A 179 1.11 -0.98 6.15
CA LEU A 179 0.68 -0.10 7.24
C LEU A 179 -0.75 0.37 7.09
N SER A 180 -1.55 0.16 8.13
CA SER A 180 -2.96 0.52 8.12
C SER A 180 -3.35 1.27 9.41
N ASP A 181 -4.66 1.41 9.63
CA ASP A 181 -5.14 2.11 10.82
C ASP A 181 -5.49 1.22 12.00
N VAL A 182 -5.07 -0.05 11.92
N VAL A 182 -5.08 -0.05 11.91
CA VAL A 182 -5.29 -1.01 12.99
CA VAL A 182 -5.33 -1.00 12.98
C VAL A 182 -3.99 -1.73 13.30
C VAL A 182 -4.04 -1.75 13.28
N SER A 183 -3.84 -2.14 14.55
N SER A 183 -3.85 -2.12 14.54
CA SER A 183 -2.63 -2.85 14.98
CA SER A 183 -2.65 -2.84 14.97
C SER A 183 -2.60 -4.28 14.47
C SER A 183 -2.63 -4.27 14.46
N GLY A 184 -2.61 -4.44 13.15
CA GLY A 184 -2.59 -5.77 12.57
C GLY A 184 -3.97 -6.40 12.48
N ILE A 185 -4.00 -7.71 12.25
CA ILE A 185 -5.26 -8.44 12.14
C ILE A 185 -5.77 -8.76 13.54
N LEU A 186 -7.03 -8.40 13.80
CA LEU A 186 -7.62 -8.65 15.10
C LEU A 186 -8.50 -9.89 15.08
N ASP A 187 -8.64 -10.53 16.25
CA ASP A 187 -9.45 -11.73 16.34
C ASP A 187 -10.91 -11.41 16.69
N GLY A 188 -11.67 -12.43 17.06
CA GLY A 188 -13.07 -12.24 17.39
C GLY A 188 -13.33 -11.25 18.52
N LYS A 189 -12.40 -11.16 19.47
CA LYS A 189 -12.55 -10.25 20.58
C LYS A 189 -11.90 -8.90 20.29
N GLY A 190 -11.40 -8.74 19.07
CA GLY A 190 -10.77 -7.49 18.69
C GLY A 190 -9.34 -7.35 19.19
N GLN A 191 -8.69 -8.46 19.53
CA GLN A 191 -7.32 -8.40 20.00
C GLN A 191 -6.37 -8.75 18.86
N ARG A 192 -5.20 -8.13 18.87
CA ARG A 192 -4.19 -8.35 17.86
C ARG A 192 -3.71 -9.80 17.78
N ILE A 193 -3.60 -10.31 16.56
CA ILE A 193 -3.11 -11.68 16.32
C ILE A 193 -1.65 -11.51 15.90
N ALA A 194 -0.74 -12.00 16.72
CA ALA A 194 0.71 -11.86 16.48
C ALA A 194 1.25 -12.47 15.20
N GLU A 195 0.91 -13.73 14.93
CA GLU A 195 1.40 -14.42 13.76
C GLU A 195 0.28 -15.01 12.93
N MET A 196 0.50 -15.06 11.62
CA MET A 196 -0.51 -15.55 10.68
C MET A 196 0.02 -16.47 9.58
N THR A 197 -0.68 -17.56 9.33
CA THR A 197 -0.32 -18.50 8.27
C THR A 197 -1.52 -18.60 7.33
N ALA A 198 -1.32 -19.24 6.18
CA ALA A 198 -2.40 -19.39 5.20
C ALA A 198 -3.58 -20.18 5.79
N ALA A 199 -3.27 -21.22 6.56
CA ALA A 199 -4.30 -22.05 7.17
C ALA A 199 -5.14 -21.24 8.16
N LYS A 200 -4.47 -20.48 9.03
N LYS A 200 -4.46 -20.48 9.01
CA LYS A 200 -5.16 -19.67 10.02
CA LYS A 200 -5.13 -19.66 10.02
C LYS A 200 -6.01 -18.59 9.35
C LYS A 200 -6.00 -18.59 9.36
N ALA A 201 -5.48 -18.01 8.29
CA ALA A 201 -6.19 -16.96 7.55
C ALA A 201 -7.49 -17.52 7.00
N GLU A 202 -7.43 -18.70 6.40
CA GLU A 202 -8.62 -19.32 5.84
C GLU A 202 -9.69 -19.46 6.94
N GLN A 203 -9.29 -20.03 8.07
CA GLN A 203 -10.22 -20.22 9.19
C GLN A 203 -10.92 -18.92 9.56
N LEU A 204 -10.14 -17.89 9.89
CA LEU A 204 -10.68 -16.60 10.28
C LEU A 204 -11.61 -15.99 9.23
N ILE A 205 -11.30 -16.19 7.95
N ILE A 205 -11.30 -16.20 7.95
CA ILE A 205 -12.14 -15.65 6.88
CA ILE A 205 -12.12 -15.68 6.86
C ILE A 205 -13.48 -16.38 6.85
C ILE A 205 -13.47 -16.39 6.86
N GLU A 206 -13.42 -17.71 6.94
CA GLU A 206 -14.62 -18.53 6.95
C GLU A 206 -15.50 -18.21 8.15
N GLN A 207 -14.87 -17.95 9.30
CA GLN A 207 -15.58 -17.62 10.52
C GLN A 207 -16.15 -16.20 10.50
N GLY A 208 -15.71 -15.41 9.53
CA GLY A 208 -16.19 -14.04 9.44
C GLY A 208 -15.43 -13.05 10.31
N ILE A 209 -14.29 -13.48 10.82
N ILE A 209 -14.28 -13.47 10.83
CA ILE A 209 -13.46 -12.62 11.67
CA ILE A 209 -13.49 -12.59 11.67
C ILE A 209 -12.75 -11.57 10.82
C ILE A 209 -12.75 -11.57 10.81
N ILE A 210 -12.19 -12.02 9.69
CA ILE A 210 -11.49 -11.12 8.78
C ILE A 210 -12.49 -10.76 7.68
N THR A 211 -12.79 -9.47 7.55
CA THR A 211 -13.75 -9.02 6.55
C THR A 211 -13.25 -7.83 5.72
N ASP A 212 -14.07 -7.45 4.74
CA ASP A 212 -13.81 -6.34 3.83
C ASP A 212 -12.35 -6.15 3.44
N GLY A 213 -11.82 -4.96 3.73
CA GLY A 213 -10.45 -4.63 3.40
C GLY A 213 -9.38 -5.50 3.99
N MET A 214 -9.66 -6.17 5.12
CA MET A 214 -8.63 -7.02 5.70
C MET A 214 -8.53 -8.35 4.98
N ILE A 215 -9.58 -8.73 4.24
CA ILE A 215 -9.53 -9.98 3.49
C ILE A 215 -8.54 -9.76 2.34
N VAL A 216 -8.70 -8.64 1.63
CA VAL A 216 -7.80 -8.32 0.52
C VAL A 216 -6.37 -8.17 1.04
N LYS A 217 -6.22 -7.52 2.19
CA LYS A 217 -4.91 -7.29 2.77
C LYS A 217 -4.16 -8.55 3.18
N VAL A 218 -4.82 -9.46 3.89
CA VAL A 218 -4.15 -10.68 4.33
C VAL A 218 -3.79 -11.56 3.13
N ASN A 219 -4.64 -11.56 2.10
CA ASN A 219 -4.37 -12.37 0.91
C ASN A 219 -3.16 -11.83 0.13
N ALA A 220 -3.05 -10.51 0.05
CA ALA A 220 -1.93 -9.89 -0.65
C ALA A 220 -0.66 -10.16 0.14
N ALA A 221 -0.78 -10.11 1.47
CA ALA A 221 0.36 -10.35 2.34
C ALA A 221 0.90 -11.77 2.17
N LEU A 222 -0.01 -12.75 2.17
CA LEU A 222 0.35 -14.16 2.02
C LEU A 222 1.03 -14.41 0.67
N ASP A 223 0.49 -13.79 -0.38
CA ASP A 223 1.04 -13.95 -1.72
C ASP A 223 2.48 -13.42 -1.76
N ALA A 224 2.69 -12.24 -1.19
CA ALA A 224 4.00 -11.64 -1.15
C ALA A 224 4.95 -12.53 -0.33
N ALA A 225 4.49 -13.01 0.81
CA ALA A 225 5.29 -13.85 1.67
C ALA A 225 5.75 -15.14 0.99
N ARG A 226 4.85 -15.82 0.29
CA ARG A 226 5.26 -17.05 -0.38
C ARG A 226 6.09 -16.76 -1.62
N THR A 227 5.80 -15.64 -2.30
CA THR A 227 6.53 -15.27 -3.52
C THR A 227 7.94 -14.83 -3.22
N LEU A 228 8.11 -14.02 -2.17
CA LEU A 228 9.41 -13.50 -1.79
C LEU A 228 10.16 -14.45 -0.85
N GLY A 229 9.41 -15.33 -0.20
CA GLY A 229 10.03 -16.27 0.72
C GLY A 229 10.45 -15.59 2.01
N ARG A 230 9.85 -14.43 2.27
CA ARG A 230 10.16 -13.68 3.48
C ARG A 230 8.87 -13.28 4.18
N PRO A 231 8.94 -13.05 5.51
CA PRO A 231 7.74 -12.65 6.26
C PRO A 231 7.26 -11.26 5.83
N VAL A 232 5.95 -11.06 5.90
CA VAL A 232 5.35 -9.77 5.56
C VAL A 232 4.48 -9.34 6.73
N ASP A 233 4.68 -8.10 7.19
CA ASP A 233 3.93 -7.59 8.31
C ASP A 233 2.79 -6.65 7.97
N ILE A 234 1.77 -6.67 8.82
CA ILE A 234 0.61 -5.80 8.73
C ILE A 234 0.62 -5.09 10.09
N ALA A 235 0.79 -3.77 10.06
CA ALA A 235 0.84 -3.00 11.30
C ALA A 235 0.24 -1.61 11.15
N SER A 236 0.16 -0.89 12.26
N SER A 236 0.15 -0.88 12.26
CA SER A 236 -0.39 0.46 12.28
CA SER A 236 -0.41 0.46 12.21
C SER A 236 0.69 1.52 12.36
C SER A 236 0.69 1.51 12.32
N TRP A 237 0.42 2.69 11.80
CA TRP A 237 1.38 3.78 11.86
C TRP A 237 0.76 4.93 12.64
N ARG A 238 -0.15 4.58 13.54
CA ARG A 238 -0.86 5.55 14.37
C ARG A 238 -0.04 6.11 15.53
N HIS A 239 0.74 5.26 16.18
CA HIS A 239 1.52 5.69 17.34
C HIS A 239 3.00 5.95 17.07
N ALA A 240 3.38 7.21 17.23
CA ALA A 240 4.74 7.68 17.00
C ALA A 240 5.86 6.86 17.62
N GLU A 241 5.72 6.50 18.90
CA GLU A 241 6.78 5.75 19.58
C GLU A 241 7.08 4.39 18.98
N GLN A 242 6.11 3.83 18.25
CA GLN A 242 6.30 2.51 17.66
C GLN A 242 6.93 2.52 16.27
N LEU A 243 6.89 3.67 15.62
CA LEU A 243 7.44 3.81 14.27
C LEU A 243 8.89 3.35 14.10
N PRO A 244 9.78 3.77 15.02
CA PRO A 244 11.19 3.35 14.92
C PRO A 244 11.38 1.84 14.83
N ALA A 245 10.93 1.12 15.87
CA ALA A 245 11.06 -0.33 15.93
C ALA A 245 10.36 -0.98 14.73
N LEU A 246 9.26 -0.39 14.30
CA LEU A 246 8.49 -0.89 13.17
C LEU A 246 9.39 -1.04 11.95
N PHE A 247 10.02 0.06 11.56
CA PHE A 247 10.91 0.08 10.39
C PHE A 247 12.17 -0.75 10.63
N ASN A 248 12.48 -1.01 11.89
CA ASN A 248 13.67 -1.78 12.24
C ASN A 248 13.38 -3.28 12.13
N GLY A 249 12.14 -3.61 11.76
CA GLY A 249 11.78 -5.01 11.61
C GLY A 249 11.23 -5.71 12.84
N MET A 250 10.74 -4.94 13.79
CA MET A 250 10.18 -5.51 15.02
C MET A 250 8.70 -5.83 14.84
N PRO A 251 8.23 -6.95 15.42
CA PRO A 251 6.84 -7.38 15.34
C PRO A 251 5.90 -6.40 16.08
N MET A 252 5.22 -5.55 15.33
CA MET A 252 4.32 -4.58 15.94
C MET A 252 2.85 -4.87 15.65
N GLY A 253 2.59 -5.72 14.65
CA GLY A 253 1.23 -6.05 14.30
C GLY A 253 1.05 -7.54 14.08
N THR A 254 0.78 -7.91 12.84
CA THR A 254 0.60 -9.32 12.49
C THR A 254 1.66 -9.71 11.46
N ARG A 255 2.48 -10.68 11.82
CA ARG A 255 3.51 -11.14 10.91
C ARG A 255 2.98 -12.31 10.09
N ILE A 256 2.98 -12.13 8.77
CA ILE A 256 2.51 -13.16 7.84
C ILE A 256 3.70 -14.03 7.49
N LEU A 257 3.57 -15.31 7.78
CA LEU A 257 4.63 -16.28 7.50
C LEU A 257 4.36 -16.98 6.17
N ALA A 258 5.40 -17.12 5.36
CA ALA A 258 5.30 -17.74 4.04
C ALA A 258 4.57 -19.07 4.04
#